data_2ILR
#
_entry.id   2ILR
#
_cell.length_a   59.291
_cell.length_b   59.291
_cell.length_c   140.249
_cell.angle_alpha   90.00
_cell.angle_beta   90.00
_cell.angle_gamma   90.00
#
_symmetry.space_group_name_H-M   'P 41 21 2'
#
loop_
_entity.id
_entity.type
_entity.pdbx_description
1 polymer 'Fanconi anemia group E protein'
2 water water
#
_entity_poly.entity_id   1
_entity_poly.type   'polypeptide(L)'
_entity_poly.pdbx_seq_one_letter_code
;GLAESLELPKAIQDQLPRLQQLLKTLEEGLEGLEDAPPVELQLLHECSPSQMDLLCAQLQLPQLSDLGLLRLCTWLLALS
PDLSLSNATVLTRSLFLGRILSLTSSASRLLTTALTSFAAKYTYPVCSALLDPVLQAPGTGPAQTELLCCLVKMESLEPD
AQVLMLGQILELPWKEETFLVLQSLLERQVEMTPEKFSVLMEKLCKKGLAATTSMAYAKLMLTVMTKYQANITETQRLGL
AMALEPNTTFLRKSLKAALKHLGP
;
_entity_poly.pdbx_strand_id   A
#
# COMPACT_ATOMS: atom_id res chain seq x y z
N ALA A 3 -3.72 -12.41 -25.94
CA ALA A 3 -4.93 -13.19 -26.35
C ALA A 3 -6.20 -12.34 -26.40
N GLU A 4 -6.26 -11.31 -25.54
CA GLU A 4 -7.40 -10.35 -25.43
C GLU A 4 -7.39 -9.26 -26.51
N SER A 5 -6.30 -9.27 -27.28
CA SER A 5 -6.11 -8.44 -28.45
C SER A 5 -6.18 -6.93 -28.21
N LEU A 6 -5.70 -6.46 -27.04
CA LEU A 6 -5.63 -5.01 -26.88
C LEU A 6 -4.40 -4.59 -27.69
N GLU A 7 -4.48 -3.40 -28.28
CA GLU A 7 -3.37 -2.85 -29.04
C GLU A 7 -2.69 -1.72 -28.31
N LEU A 8 -1.37 -1.75 -28.35
CA LEU A 8 -0.56 -0.66 -27.80
C LEU A 8 -0.71 0.54 -28.73
N PRO A 9 -0.49 1.76 -28.22
CA PRO A 9 -0.55 2.89 -29.16
C PRO A 9 0.48 2.70 -30.32
N LYS A 10 0.12 3.18 -31.50
CA LYS A 10 0.99 3.09 -32.68
C LYS A 10 2.46 3.45 -32.40
N ALA A 11 2.68 4.62 -31.82
CA ALA A 11 4.06 5.06 -31.53
C ALA A 11 4.78 4.10 -30.59
N ILE A 12 4.03 3.45 -29.71
CA ILE A 12 4.60 2.51 -28.75
C ILE A 12 5.01 1.20 -29.44
N GLN A 13 4.12 0.68 -30.28
CA GLN A 13 4.43 -0.54 -31.03
C GLN A 13 5.72 -0.30 -31.85
N ASP A 14 5.77 0.84 -32.52
CA ASP A 14 6.91 1.23 -33.35
C ASP A 14 8.21 1.42 -32.56
N GLN A 15 8.11 2.01 -31.37
CA GLN A 15 9.28 2.31 -30.54
C GLN A 15 9.61 1.21 -29.55
N LEU A 16 8.91 0.10 -29.62
CA LEU A 16 9.08 -0.94 -28.61
C LEU A 16 10.48 -1.59 -28.52
N PRO A 17 11.11 -1.89 -29.68
CA PRO A 17 12.49 -2.41 -29.54
C PRO A 17 13.46 -1.37 -28.92
N ARG A 18 13.28 -0.09 -29.25
CA ARG A 18 14.05 0.98 -28.60
C ARG A 18 13.86 0.94 -27.05
N LEU A 19 12.61 0.80 -26.59
CA LEU A 19 12.34 0.69 -25.12
C LEU A 19 13.04 -0.53 -24.50
N GLN A 20 12.94 -1.68 -25.17
CA GLN A 20 13.60 -2.86 -24.67
C GLN A 20 15.10 -2.64 -24.64
N GLN A 21 15.61 -1.91 -25.63
CA GLN A 21 17.04 -1.57 -25.76
C GLN A 21 17.46 -0.74 -24.53
N LEU A 22 16.75 0.37 -24.28
CA LEU A 22 17.02 1.25 -23.14
C LEU A 22 17.04 0.52 -21.81
N LEU A 23 16.09 -0.40 -21.62
CA LEU A 23 16.01 -1.14 -20.35
C LEU A 23 17.26 -1.98 -20.16
N LYS A 24 17.72 -2.63 -21.24
CA LYS A 24 18.94 -3.43 -21.15
C LYS A 24 20.09 -2.55 -20.68
N THR A 25 20.23 -1.35 -21.29
CA THR A 25 21.31 -0.45 -20.91
C THR A 25 21.26 -0.12 -19.42
N LEU A 26 20.04 0.06 -18.87
CA LEU A 26 19.89 0.33 -17.41
C LEU A 26 20.44 -0.78 -16.54
N GLU A 27 20.38 -2.01 -17.05
CA GLU A 27 20.98 -3.10 -16.31
C GLU A 27 22.50 -3.21 -16.55
N GLU A 28 23.01 -2.59 -17.62
CA GLU A 28 24.46 -2.62 -17.91
C GLU A 28 25.27 -1.74 -16.94
N ALA A 36 18.85 11.70 -16.43
CA ALA A 36 17.79 12.34 -17.26
C ALA A 36 17.27 11.37 -18.32
N PRO A 37 15.94 11.13 -18.32
CA PRO A 37 15.33 10.12 -19.21
C PRO A 37 15.29 10.52 -20.69
N PRO A 38 15.43 9.54 -21.58
CA PRO A 38 15.33 9.81 -23.00
C PRO A 38 13.88 10.08 -23.35
N VAL A 39 13.65 10.71 -24.51
CA VAL A 39 12.27 11.03 -24.91
C VAL A 39 11.42 9.76 -25.07
N GLU A 40 12.04 8.60 -25.31
CA GLU A 40 11.27 7.38 -25.48
C GLU A 40 10.43 7.09 -24.24
N LEU A 41 10.97 7.40 -23.06
CA LEU A 41 10.23 7.14 -21.84
C LEU A 41 9.02 8.06 -21.78
N GLN A 42 9.14 9.21 -22.44
CA GLN A 42 8.06 10.18 -22.48
C GLN A 42 6.83 9.63 -23.21
N LEU A 43 7.05 8.65 -24.08
CA LEU A 43 5.98 7.96 -24.80
C LEU A 43 5.01 7.19 -23.87
N LEU A 44 5.41 6.94 -22.63
CA LEU A 44 4.50 6.29 -21.66
C LEU A 44 3.17 6.99 -21.59
N HIS A 45 3.19 8.33 -21.80
CA HIS A 45 1.98 9.14 -21.85
C HIS A 45 1.05 8.80 -23.03
N GLU A 46 1.53 8.09 -24.06
CA GLU A 46 0.59 7.64 -25.10
C GLU A 46 -0.40 6.57 -24.55
N CYS A 47 -0.03 5.89 -23.46
CA CYS A 47 -0.84 4.77 -23.03
C CYS A 47 -1.99 5.09 -22.11
N SER A 48 -3.14 4.46 -22.35
CA SER A 48 -4.19 4.39 -21.31
C SER A 48 -3.64 3.41 -20.23
N PRO A 49 -4.23 3.39 -19.03
CA PRO A 49 -3.72 2.38 -18.11
C PRO A 49 -3.79 0.91 -18.60
N SER A 50 -4.83 0.53 -19.32
CA SER A 50 -4.91 -0.84 -19.83
C SER A 50 -3.74 -1.11 -20.80
N GLN A 51 -3.41 -0.13 -21.65
CA GLN A 51 -2.28 -0.26 -22.55
C GLN A 51 -0.96 -0.28 -21.77
N MET A 52 -0.87 0.52 -20.71
CA MET A 52 0.33 0.54 -19.86
C MET A 52 0.57 -0.88 -19.27
N ASP A 53 -0.52 -1.53 -18.84
CA ASP A 53 -0.40 -2.87 -18.26
C ASP A 53 0.21 -3.85 -19.31
N LEU A 54 -0.32 -3.78 -20.51
CA LEU A 54 0.14 -4.59 -21.62
C LEU A 54 1.62 -4.29 -21.92
N LEU A 55 1.94 -3.00 -22.02
CA LEU A 55 3.31 -2.56 -22.26
C LEU A 55 4.28 -3.04 -21.18
N CYS A 56 3.93 -2.85 -19.92
CA CYS A 56 4.80 -3.32 -18.81
C CYS A 56 5.13 -4.82 -18.89
N ALA A 57 4.13 -5.63 -19.22
CA ALA A 57 4.28 -7.07 -19.41
C ALA A 57 5.24 -7.37 -20.58
N GLN A 58 5.07 -6.69 -21.70
CA GLN A 58 5.95 -6.90 -22.86
C GLN A 58 7.38 -6.40 -22.66
N LEU A 59 7.54 -5.42 -21.76
CA LEU A 59 8.87 -4.91 -21.38
C LEU A 59 9.50 -5.84 -20.35
N GLN A 60 8.69 -6.69 -19.75
CA GLN A 60 9.18 -7.63 -18.75
C GLN A 60 9.74 -6.89 -17.52
N LEU A 61 9.07 -5.80 -17.15
CA LEU A 61 9.49 -5.03 -15.97
C LEU A 61 9.62 -5.86 -14.71
N PRO A 62 8.71 -6.82 -14.46
CA PRO A 62 8.90 -7.63 -13.25
C PRO A 62 10.26 -8.38 -13.24
N GLN A 63 10.91 -8.54 -14.40
CA GLN A 63 12.22 -9.25 -14.48
C GLN A 63 13.52 -8.40 -14.41
N LEU A 64 13.41 -7.08 -14.22
CA LEU A 64 14.61 -6.22 -14.05
C LEU A 64 15.45 -6.59 -12.82
N SER A 65 16.75 -6.39 -12.85
CA SER A 65 17.56 -6.59 -11.64
C SER A 65 17.24 -5.45 -10.68
N ASP A 66 17.65 -5.57 -9.41
CA ASP A 66 17.36 -4.52 -8.40
C ASP A 66 17.96 -3.18 -8.84
N LEU A 67 19.14 -3.28 -9.45
CA LEU A 67 19.86 -2.12 -9.94
C LEU A 67 19.10 -1.47 -11.11
N GLY A 68 18.67 -2.30 -12.04
CA GLY A 68 17.88 -1.86 -13.19
C GLY A 68 16.61 -1.19 -12.71
N LEU A 69 15.98 -1.78 -11.69
CA LEU A 69 14.76 -1.26 -11.09
C LEU A 69 14.98 0.14 -10.50
N LEU A 70 16.04 0.30 -9.70
CA LEU A 70 16.32 1.60 -9.10
C LEU A 70 16.59 2.68 -10.16
N ARG A 71 17.42 2.33 -11.14
CA ARG A 71 17.71 3.25 -12.23
C ARG A 71 16.45 3.67 -13.02
N LEU A 72 15.59 2.70 -13.36
CA LEU A 72 14.35 2.99 -14.06
C LEU A 72 13.45 3.89 -13.24
N CYS A 73 13.37 3.65 -11.93
CA CYS A 73 12.56 4.50 -11.03
C CYS A 73 13.06 5.94 -11.00
N THR A 74 14.40 6.10 -11.00
CA THR A 74 15.03 7.40 -11.06
C THR A 74 14.57 8.16 -12.35
N TRP A 75 14.61 7.48 -13.48
CA TRP A 75 14.11 8.03 -14.73
C TRP A 75 12.63 8.35 -14.66
N LEU A 76 11.84 7.43 -14.10
CA LEU A 76 10.41 7.67 -14.02
C LEU A 76 10.12 8.90 -13.16
N LEU A 77 10.90 9.10 -12.12
CA LEU A 77 10.69 10.23 -11.23
C LEU A 77 10.99 11.58 -11.90
N ALA A 78 11.82 11.53 -12.94
CA ALA A 78 12.18 12.75 -13.68
C ALA A 78 11.20 13.10 -14.80
N LEU A 79 10.34 12.15 -15.16
CA LEU A 79 9.33 12.38 -16.20
C LEU A 79 8.46 13.55 -15.91
N SER A 80 8.26 14.37 -16.96
CA SER A 80 7.40 15.53 -16.88
C SER A 80 6.60 15.61 -18.15
N PRO A 81 5.28 15.81 -18.06
CA PRO A 81 4.47 15.93 -16.87
C PRO A 81 4.46 14.59 -16.08
N ASP A 82 3.90 14.64 -14.90
CA ASP A 82 3.79 13.46 -14.06
C ASP A 82 2.89 12.40 -14.68
N LEU A 83 3.18 11.16 -14.34
CA LEU A 83 2.29 10.06 -14.71
C LEU A 83 0.97 10.30 -14.02
N SER A 84 -0.13 9.97 -14.69
CA SER A 84 -1.47 10.06 -14.10
C SER A 84 -1.59 9.05 -12.96
N LEU A 85 -2.54 9.31 -12.05
CA LEU A 85 -2.81 8.43 -10.95
C LEU A 85 -2.94 6.94 -11.44
N SER A 86 -3.77 6.67 -12.44
CA SER A 86 -3.99 5.29 -12.86
C SER A 86 -2.77 4.67 -13.55
N ASN A 87 -2.05 5.44 -14.38
CA ASN A 87 -0.83 4.94 -14.99
C ASN A 87 0.26 4.67 -13.94
N ALA A 88 0.41 5.56 -12.96
CA ALA A 88 1.35 5.34 -11.85
C ALA A 88 0.96 4.08 -11.07
N THR A 89 -0.33 3.83 -10.94
CA THR A 89 -0.84 2.61 -10.23
C THR A 89 -0.42 1.36 -10.99
N VAL A 90 -0.65 1.37 -12.30
CA VAL A 90 -0.24 0.23 -13.12
C VAL A 90 1.26 -0.02 -13.07
N LEU A 91 2.04 1.04 -13.23
CA LEU A 91 3.49 0.90 -13.21
C LEU A 91 3.96 0.36 -11.88
N THR A 92 3.43 0.90 -10.79
CA THR A 92 3.83 0.43 -9.46
C THR A 92 3.66 -1.10 -9.33
N ARG A 93 2.48 -1.61 -9.66
CA ARG A 93 2.26 -3.04 -9.56
C ARG A 93 3.24 -3.80 -10.44
N SER A 94 3.40 -3.37 -11.68
CA SER A 94 4.32 -4.10 -12.57
C SER A 94 5.75 -4.04 -12.03
N LEU A 95 6.14 -2.87 -11.52
CA LEU A 95 7.50 -2.75 -11.01
C LEU A 95 7.76 -3.53 -9.71
N PHE A 96 6.80 -3.40 -8.78
CA PHE A 96 7.06 -3.87 -7.45
C PHE A 96 6.22 -5.04 -6.93
N LEU A 97 5.02 -5.28 -7.46
CA LEU A 97 4.16 -6.29 -6.79
C LEU A 97 4.77 -7.68 -6.69
N GLY A 98 5.20 -8.24 -7.83
CA GLY A 98 5.81 -9.58 -7.85
C GLY A 98 7.03 -9.67 -6.96
N ARG A 99 7.90 -8.67 -6.99
CA ARG A 99 9.07 -8.65 -6.11
C ARG A 99 8.71 -8.66 -4.65
N ILE A 100 7.70 -7.86 -4.29
CA ILE A 100 7.30 -7.81 -2.87
C ILE A 100 6.68 -9.15 -2.44
N LEU A 101 5.79 -9.68 -3.27
CA LEU A 101 5.14 -10.94 -2.96
C LEU A 101 6.14 -12.13 -2.82
N SER A 102 7.22 -12.04 -3.57
CA SER A 102 8.26 -13.05 -3.57
C SER A 102 9.20 -13.02 -2.37
N LEU A 103 9.17 -11.95 -1.59
CA LEU A 103 10.09 -11.85 -0.46
C LEU A 103 9.94 -12.96 0.57
N THR A 104 11.06 -13.54 0.98
CA THR A 104 11.07 -14.46 2.12
C THR A 104 11.94 -13.79 3.22
N SER A 105 12.67 -12.75 2.88
CA SER A 105 13.43 -11.96 3.86
C SER A 105 13.17 -10.48 3.57
N SER A 106 13.56 -9.60 4.49
CA SER A 106 13.42 -8.15 4.26
C SER A 106 13.94 -7.75 2.87
N ALA A 107 13.29 -6.74 2.30
CA ALA A 107 13.67 -6.21 1.00
C ALA A 107 15.12 -5.71 1.01
N SER A 108 15.80 -5.93 -0.09
CA SER A 108 17.16 -5.48 -0.22
C SER A 108 17.21 -3.95 -0.15
N ARG A 109 18.42 -3.45 0.08
CA ARG A 109 18.65 -2.02 0.10
C ARG A 109 18.17 -1.36 -1.19
N LEU A 110 18.47 -1.97 -2.33
CA LEU A 110 18.08 -1.40 -3.61
C LEU A 110 16.57 -1.41 -3.86
N LEU A 111 15.91 -2.48 -3.40
CA LEU A 111 14.46 -2.59 -3.52
C LEU A 111 13.79 -1.52 -2.66
N THR A 112 14.23 -1.44 -1.39
CA THR A 112 13.70 -0.46 -0.48
C THR A 112 13.96 0.97 -1.02
N THR A 113 15.16 1.24 -1.55
CA THR A 113 15.47 2.58 -2.10
C THR A 113 14.60 2.90 -3.32
N ALA A 114 14.49 1.96 -4.25
CA ALA A 114 13.65 2.14 -5.44
C ALA A 114 12.18 2.45 -5.03
N LEU A 115 11.62 1.59 -4.17
CA LEU A 115 10.23 1.74 -3.73
C LEU A 115 9.96 3.07 -3.00
N THR A 116 10.84 3.44 -2.07
CA THR A 116 10.61 4.63 -1.26
C THR A 116 10.83 5.92 -2.04
N SER A 117 11.83 5.92 -2.93
CA SER A 117 12.07 7.13 -3.71
C SER A 117 10.93 7.32 -4.74
N PHE A 118 10.42 6.22 -5.33
CA PHE A 118 9.29 6.30 -6.26
C PHE A 118 8.03 6.72 -5.50
N ALA A 119 7.81 6.14 -4.32
CA ALA A 119 6.66 6.50 -3.47
C ALA A 119 6.77 7.92 -2.91
N ALA A 120 7.99 8.46 -2.77
CA ALA A 120 8.16 9.80 -2.18
C ALA A 120 7.44 10.76 -3.10
N LYS A 121 7.56 10.54 -4.42
CA LYS A 121 6.77 11.32 -5.37
C LYS A 121 5.33 10.84 -5.58
N TYR A 122 5.18 9.57 -5.95
CA TYR A 122 3.84 9.03 -6.22
C TYR A 122 3.28 8.32 -5.02
N THR A 123 3.04 9.08 -3.94
CA THR A 123 2.73 8.42 -2.67
C THR A 123 1.39 7.69 -2.61
N TYR A 124 0.32 8.41 -2.93
CA TYR A 124 -0.98 7.78 -2.93
C TYR A 124 -1.06 6.69 -3.98
N PRO A 125 -0.57 6.95 -5.23
CA PRO A 125 -0.66 5.86 -6.22
C PRO A 125 0.10 4.59 -5.78
N VAL A 126 1.29 4.73 -5.17
CA VAL A 126 2.06 3.54 -4.70
C VAL A 126 1.29 2.80 -3.61
N CYS A 127 0.90 3.51 -2.55
CA CYS A 127 0.13 2.92 -1.45
C CYS A 127 -1.15 2.22 -1.92
N SER A 128 -1.96 2.91 -2.75
CA SER A 128 -3.22 2.33 -3.21
C SER A 128 -3.00 1.19 -4.17
N ALA A 129 -1.92 1.25 -4.94
CA ALA A 129 -1.63 0.16 -5.88
C ALA A 129 -1.22 -1.15 -5.20
N LEU A 130 -0.47 -1.06 -4.10
CA LEU A 130 0.08 -2.29 -3.50
C LEU A 130 -0.72 -2.85 -2.32
N LEU A 131 -1.47 -1.99 -1.65
CA LEU A 131 -2.18 -2.40 -0.44
C LEU A 131 -3.06 -3.59 -0.59
N ASP A 132 -4.02 -3.54 -1.53
CA ASP A 132 -4.93 -4.66 -1.72
C ASP A 132 -4.27 -5.92 -2.14
N PRO A 133 -3.51 -5.91 -3.27
CA PRO A 133 -3.00 -7.21 -3.68
C PRO A 133 -2.00 -7.79 -2.69
N VAL A 134 -1.21 -6.94 -2.02
CA VAL A 134 -0.27 -7.50 -1.04
C VAL A 134 -1.02 -8.15 0.13
N LEU A 135 -1.95 -7.40 0.71
CA LEU A 135 -2.73 -7.92 1.84
C LEU A 135 -3.61 -9.11 1.50
N GLN A 136 -4.14 -9.16 0.27
CA GLN A 136 -5.01 -10.25 -0.14
C GLN A 136 -4.23 -11.50 -0.62
N ALA A 137 -2.94 -11.37 -0.87
CA ALA A 137 -2.09 -12.52 -1.26
C ALA A 137 -1.97 -13.52 -0.11
N PRO A 138 -1.95 -14.84 -0.43
CA PRO A 138 -1.84 -15.79 0.66
C PRO A 138 -0.42 -15.83 1.25
N GLY A 139 -0.32 -16.13 2.53
CA GLY A 139 0.99 -16.20 3.18
C GLY A 139 1.80 -14.91 3.23
N THR A 140 1.12 -13.76 3.29
CA THR A 140 1.84 -12.49 3.36
C THR A 140 2.39 -12.47 4.79
N GLY A 141 3.66 -12.07 4.96
CA GLY A 141 4.29 -12.06 6.26
C GLY A 141 4.94 -10.73 6.57
N PRO A 142 5.72 -10.66 7.68
CA PRO A 142 6.43 -9.44 8.10
C PRO A 142 7.24 -8.79 6.98
N ALA A 143 7.87 -9.57 6.09
CA ALA A 143 8.69 -8.96 5.02
C ALA A 143 7.82 -8.08 4.07
N GLN A 144 6.57 -8.49 3.90
CA GLN A 144 5.60 -7.76 3.10
C GLN A 144 4.96 -6.64 3.93
N THR A 145 4.47 -6.96 5.15
CA THR A 145 3.76 -5.97 5.94
C THR A 145 4.68 -4.81 6.38
N GLU A 146 5.97 -5.09 6.60
CA GLU A 146 6.89 -4.00 6.99
C GLU A 146 7.00 -2.92 5.93
N LEU A 147 6.98 -3.34 4.66
CA LEU A 147 7.03 -2.40 3.57
C LEU A 147 5.73 -1.60 3.51
N LEU A 148 4.59 -2.28 3.73
CA LEU A 148 3.29 -1.58 3.68
C LEU A 148 3.16 -0.59 4.84
N CYS A 149 3.64 -1.00 6.00
CA CYS A 149 3.64 -0.14 7.17
C CYS A 149 4.47 1.08 6.91
N CYS A 150 5.64 0.89 6.29
CA CYS A 150 6.50 1.99 5.97
C CYS A 150 5.83 2.95 4.99
N LEU A 151 5.20 2.40 3.95
CA LEU A 151 4.52 3.25 2.96
C LEU A 151 3.48 4.14 3.63
N VAL A 152 2.61 3.55 4.42
CA VAL A 152 1.51 4.34 5.03
C VAL A 152 1.95 5.36 6.08
N LYS A 153 3.18 5.19 6.59
CA LYS A 153 3.81 6.11 7.54
C LYS A 153 4.56 7.24 6.89
N MET A 154 4.72 7.18 5.56
CA MET A 154 5.49 8.24 4.89
C MET A 154 4.91 9.64 5.08
N GLU A 155 5.78 10.58 5.47
CA GLU A 155 5.34 11.96 5.65
C GLU A 155 4.67 12.52 4.37
N SER A 156 5.11 12.06 3.19
CA SER A 156 4.52 12.55 1.94
C SER A 156 3.10 12.00 1.64
N LEU A 157 2.62 11.05 2.46
CA LEU A 157 1.24 10.58 2.30
C LEU A 157 0.41 11.63 3.07
N GLU A 158 -0.14 12.56 2.32
CA GLU A 158 -0.89 13.69 2.86
C GLU A 158 -2.17 13.31 3.54
N PRO A 159 -2.68 14.17 4.46
CA PRO A 159 -3.89 13.86 5.20
C PRO A 159 -5.06 13.31 4.40
N ASP A 160 -5.45 13.91 3.28
CA ASP A 160 -6.55 13.37 2.48
C ASP A 160 -6.24 11.99 1.91
N ALA A 161 -4.99 11.77 1.46
CA ALA A 161 -4.61 10.41 0.96
C ALA A 161 -4.69 9.34 2.09
N GLN A 162 -4.37 9.75 3.31
CA GLN A 162 -4.48 8.87 4.44
C GLN A 162 -5.92 8.49 4.66
N VAL A 163 -6.81 9.47 4.51
CA VAL A 163 -8.25 9.21 4.61
C VAL A 163 -8.64 8.25 3.55
N LEU A 164 -8.22 8.48 2.29
CA LEU A 164 -8.55 7.51 1.22
C LEU A 164 -8.02 6.09 1.50
N MET A 165 -6.75 5.97 1.89
CA MET A 165 -6.18 4.61 2.23
C MET A 165 -6.96 3.90 3.36
N LEU A 166 -7.34 4.67 4.38
CA LEU A 166 -8.16 4.12 5.52
C LEU A 166 -9.44 3.50 4.98
N GLY A 167 -10.15 4.23 4.12
CA GLY A 167 -11.35 3.67 3.47
C GLY A 167 -11.07 2.37 2.71
N GLN A 168 -9.94 2.31 2.01
CA GLN A 168 -9.58 1.11 1.26
C GLN A 168 -9.27 -0.07 2.18
N ILE A 169 -8.51 0.20 3.24
CA ILE A 169 -8.17 -0.85 4.22
C ILE A 169 -9.44 -1.42 4.89
N LEU A 170 -10.38 -0.55 5.26
CA LEU A 170 -11.62 -1.01 5.91
C LEU A 170 -12.44 -1.97 5.07
N GLU A 171 -12.23 -2.00 3.76
CA GLU A 171 -13.05 -2.82 2.86
C GLU A 171 -12.42 -4.18 2.65
N LEU A 172 -11.18 -4.33 3.10
CA LEU A 172 -10.50 -5.60 2.97
C LEU A 172 -11.01 -6.62 4.01
N PRO A 173 -10.90 -7.92 3.70
CA PRO A 173 -11.25 -8.87 4.77
C PRO A 173 -10.18 -8.72 5.85
N TRP A 174 -10.59 -8.78 7.13
CA TRP A 174 -9.66 -8.56 8.24
C TRP A 174 -8.95 -9.76 8.87
N LYS A 175 -7.62 -9.73 8.78
CA LYS A 175 -6.74 -10.76 9.31
C LYS A 175 -5.56 -10.07 9.94
N GLU A 176 -4.62 -10.81 10.50
CA GLU A 176 -3.49 -10.21 11.21
C GLU A 176 -2.65 -9.17 10.45
N GLU A 177 -2.44 -9.41 9.16
CA GLU A 177 -1.59 -8.50 8.37
C GLU A 177 -2.27 -7.14 8.22
N THR A 178 -3.57 -7.16 8.05
CA THR A 178 -4.35 -5.94 7.93
C THR A 178 -4.29 -5.17 9.25
N PHE A 179 -4.40 -5.89 10.39
CA PHE A 179 -4.35 -5.20 11.71
C PHE A 179 -3.08 -4.36 11.84
N LEU A 180 -1.96 -4.92 11.41
CA LEU A 180 -0.69 -4.18 11.50
C LEU A 180 -0.68 -2.92 10.68
N VAL A 181 -1.13 -3.06 9.42
CA VAL A 181 -1.07 -1.91 8.51
C VAL A 181 -2.07 -0.84 8.94
N LEU A 182 -3.22 -1.28 9.40
CA LEU A 182 -4.29 -0.37 9.85
C LEU A 182 -3.84 0.39 11.12
N GLN A 183 -3.22 -0.35 12.03
CA GLN A 183 -2.72 0.27 13.26
C GLN A 183 -1.70 1.35 12.95
N SER A 184 -0.80 1.08 11.97
CA SER A 184 0.23 2.04 11.57
C SER A 184 -0.38 3.33 11.03
N LEU A 185 -1.42 3.20 10.22
CA LEU A 185 -2.11 4.34 9.67
C LEU A 185 -2.91 5.12 10.77
N LEU A 186 -3.61 4.38 11.63
CA LEU A 186 -4.38 4.98 12.77
C LEU A 186 -3.52 5.69 13.80
N GLU A 187 -2.26 5.27 13.91
CA GLU A 187 -1.32 5.93 14.80
C GLU A 187 -1.13 7.39 14.34
N ARG A 188 -1.37 7.67 13.06
CA ARG A 188 -1.22 9.03 12.53
C ARG A 188 -2.39 9.97 12.81
N GLN A 189 -3.41 9.47 13.49
CA GLN A 189 -4.60 10.21 13.85
C GLN A 189 -5.41 10.61 12.58
N VAL A 190 -5.67 9.67 11.70
CA VAL A 190 -6.38 10.02 10.46
C VAL A 190 -7.87 10.23 10.76
N GLU A 191 -8.44 11.30 10.22
CA GLU A 191 -9.86 11.52 10.43
C GLU A 191 -10.73 10.52 9.71
N MET A 192 -11.92 10.33 10.26
CA MET A 192 -12.90 9.40 9.67
C MET A 192 -14.28 10.00 9.82
N THR A 193 -15.12 9.87 8.79
CA THR A 193 -16.54 10.24 8.93
C THR A 193 -17.14 9.27 9.96
N PRO A 194 -18.25 9.65 10.61
CA PRO A 194 -18.85 8.67 11.53
C PRO A 194 -19.22 7.36 10.85
N GLU A 195 -19.54 7.40 9.56
CA GLU A 195 -19.86 6.20 8.83
C GLU A 195 -18.64 5.30 8.74
N LYS A 196 -17.47 5.86 8.40
CA LYS A 196 -16.28 5.03 8.34
C LYS A 196 -15.89 4.52 9.73
N PHE A 197 -16.03 5.40 10.73
CA PHE A 197 -15.73 5.01 12.06
C PHE A 197 -16.65 3.85 12.51
N SER A 198 -17.92 3.86 12.04
CA SER A 198 -18.85 2.79 12.38
C SER A 198 -18.40 1.47 11.85
N VAL A 199 -17.87 1.47 10.63
CA VAL A 199 -17.33 0.25 9.97
C VAL A 199 -16.16 -0.30 10.76
N LEU A 200 -15.25 0.61 11.12
CA LEU A 200 -14.08 0.25 11.92
C LEU A 200 -14.55 -0.43 13.22
N MET A 201 -15.49 0.21 13.91
CA MET A 201 -15.93 -0.33 15.22
C MET A 201 -16.63 -1.67 15.12
N GLU A 202 -17.48 -1.79 14.10
CA GLU A 202 -18.22 -3.02 13.80
C GLU A 202 -17.24 -4.18 13.56
N LYS A 203 -16.27 -3.97 12.68
CA LYS A 203 -15.27 -5.01 12.45
C LYS A 203 -14.44 -5.31 13.69
N LEU A 204 -14.06 -4.27 14.41
CA LEU A 204 -13.29 -4.45 15.63
C LEU A 204 -14.08 -5.31 16.67
N CYS A 205 -15.34 -4.95 16.90
CA CYS A 205 -16.18 -5.64 17.89
C CYS A 205 -16.61 -7.10 17.54
N LYS A 206 -16.46 -7.47 16.28
CA LYS A 206 -16.88 -8.77 15.77
C LYS A 206 -15.74 -9.75 15.60
N THR A 212 -8.49 -12.19 17.01
CA THR A 212 -8.60 -11.62 18.36
C THR A 212 -7.46 -12.05 19.28
N THR A 213 -6.96 -13.26 18.99
CA THR A 213 -5.90 -13.93 19.72
C THR A 213 -4.54 -13.25 19.52
N SER A 214 -4.45 -12.29 18.62
CA SER A 214 -3.14 -11.73 18.34
C SER A 214 -2.81 -10.44 19.04
N MET A 215 -1.51 -10.25 19.18
CA MET A 215 -0.93 -9.05 19.73
C MET A 215 -1.25 -7.83 18.83
N ALA A 216 -1.24 -8.07 17.52
CA ALA A 216 -1.56 -7.05 16.52
C ALA A 216 -3.01 -6.58 16.69
N TYR A 217 -3.95 -7.49 16.95
CA TYR A 217 -5.33 -7.09 17.20
C TYR A 217 -5.41 -6.27 18.47
N ALA A 218 -4.70 -6.73 19.52
CA ALA A 218 -4.64 -6.01 20.81
C ALA A 218 -4.13 -4.60 20.65
N LYS A 219 -2.99 -4.41 19.97
CA LYS A 219 -2.46 -3.07 19.74
C LYS A 219 -3.41 -2.20 18.90
N LEU A 220 -3.99 -2.79 17.88
CA LEU A 220 -4.97 -2.05 17.04
C LEU A 220 -6.10 -1.53 17.94
N MET A 221 -6.71 -2.45 18.66
CA MET A 221 -7.77 -2.10 19.64
C MET A 221 -7.36 -0.98 20.60
N LEU A 222 -6.14 -1.10 21.15
CA LEU A 222 -5.63 -0.12 22.09
C LEU A 222 -5.44 1.24 21.45
N THR A 223 -4.96 1.27 20.21
CA THR A 223 -4.76 2.53 19.50
C THR A 223 -6.12 3.22 19.31
N VAL A 224 -7.13 2.44 18.89
CA VAL A 224 -8.47 2.99 18.64
C VAL A 224 -9.10 3.56 19.92
N MET A 225 -9.06 2.78 20.99
CA MET A 225 -9.61 3.20 22.29
C MET A 225 -8.94 4.42 22.93
N THR A 226 -7.67 4.67 22.59
CA THR A 226 -6.89 5.77 23.17
C THR A 226 -6.79 6.97 22.20
N LYS A 227 -6.48 6.75 20.93
CA LYS A 227 -6.45 7.88 20.02
C LYS A 227 -7.80 8.36 19.45
N TYR A 228 -8.82 7.49 19.44
CA TYR A 228 -10.13 7.88 18.86
C TYR A 228 -11.24 7.86 19.92
N GLN A 229 -10.85 8.06 21.19
CA GLN A 229 -11.79 8.05 22.28
C GLN A 229 -12.99 8.97 22.06
N ALA A 230 -12.77 10.14 21.48
CA ALA A 230 -13.87 11.09 21.27
C ALA A 230 -14.98 10.60 20.34
N ASN A 231 -14.68 9.62 19.48
CA ASN A 231 -15.62 9.13 18.48
C ASN A 231 -16.41 7.94 18.93
N ILE A 232 -16.04 7.37 20.07
CA ILE A 232 -16.61 6.09 20.48
C ILE A 232 -17.95 6.30 21.16
N THR A 233 -18.99 5.76 20.56
CA THR A 233 -20.33 5.93 21.13
C THR A 233 -20.52 4.94 22.26
N GLU A 234 -21.63 5.10 22.98
CA GLU A 234 -21.93 4.20 24.09
C GLU A 234 -22.18 2.75 23.56
N THR A 235 -22.87 2.59 22.43
CA THR A 235 -23.07 1.24 21.88
C THR A 235 -21.70 0.61 21.51
N GLN A 236 -20.80 1.40 20.95
CA GLN A 236 -19.48 0.88 20.54
C GLN A 236 -18.68 0.50 21.78
N ARG A 237 -18.77 1.32 22.82
CA ARG A 237 -18.08 1.04 24.09
C ARG A 237 -18.51 -0.32 24.68
N LEU A 238 -19.83 -0.55 24.70
CA LEU A 238 -20.40 -1.84 25.16
C LEU A 238 -19.92 -2.99 24.29
N GLY A 239 -19.79 -2.72 22.98
CA GLY A 239 -19.34 -3.71 22.01
C GLY A 239 -17.90 -4.10 22.32
N LEU A 240 -17.08 -3.08 22.61
CA LEU A 240 -15.67 -3.30 23.00
C LEU A 240 -15.63 -4.07 24.30
N ALA A 241 -16.48 -3.66 25.24
CA ALA A 241 -16.57 -4.31 26.53
C ALA A 241 -16.79 -5.81 26.36
N MET A 242 -17.69 -6.19 25.47
CA MET A 242 -17.97 -7.61 25.20
C MET A 242 -16.78 -8.32 24.56
N ALA A 243 -16.10 -7.64 23.63
CA ALA A 243 -14.95 -8.23 22.93
C ALA A 243 -13.77 -8.44 23.84
N LEU A 244 -13.78 -7.81 25.00
CA LEU A 244 -12.68 -7.92 25.97
C LEU A 244 -12.84 -8.91 27.12
N GLU A 245 -14.07 -9.30 27.46
CA GLU A 245 -14.30 -10.21 28.62
C GLU A 245 -13.31 -11.37 28.90
N PRO A 246 -13.08 -12.29 27.93
CA PRO A 246 -12.14 -13.43 28.19
C PRO A 246 -10.68 -13.11 28.63
N ASN A 247 -10.05 -14.07 29.31
CA ASN A 247 -8.66 -13.93 29.82
C ASN A 247 -7.60 -14.46 28.85
N THR A 248 -8.02 -14.75 27.63
CA THR A 248 -7.11 -15.26 26.59
C THR A 248 -6.41 -14.10 25.83
N THR A 249 -7.11 -12.96 25.77
CA THR A 249 -6.71 -11.73 25.05
C THR A 249 -5.38 -11.15 25.54
N PHE A 250 -4.66 -10.49 24.63
CA PHE A 250 -3.41 -9.82 24.98
C PHE A 250 -3.71 -8.41 25.50
N LEU A 251 -2.77 -7.83 26.25
CA LEU A 251 -2.90 -6.46 26.77
C LEU A 251 -4.16 -6.23 27.60
N ARG A 252 -4.59 -7.26 28.33
CA ARG A 252 -5.81 -7.17 29.12
C ARG A 252 -5.81 -5.93 30.02
N LYS A 253 -4.73 -5.79 30.77
CA LYS A 253 -4.68 -4.67 31.73
C LYS A 253 -4.79 -3.25 31.09
N SER A 254 -4.01 -3.01 30.03
CA SER A 254 -4.07 -1.73 29.32
C SER A 254 -5.43 -1.53 28.65
N LEU A 255 -5.94 -2.59 28.01
CA LEU A 255 -7.27 -2.52 27.35
C LEU A 255 -8.38 -2.23 28.39
N LYS A 256 -8.37 -2.91 29.52
CA LYS A 256 -9.36 -2.64 30.57
C LYS A 256 -9.30 -1.21 31.02
N ALA A 257 -8.07 -0.72 31.18
CA ALA A 257 -7.87 0.65 31.61
C ALA A 257 -8.41 1.63 30.56
N ALA A 258 -8.02 1.41 29.30
CA ALA A 258 -8.50 2.24 28.19
C ALA A 258 -10.06 2.23 28.18
N LEU A 259 -10.66 1.06 28.36
CA LEU A 259 -12.14 0.88 28.38
C LEU A 259 -12.77 1.68 29.55
N LYS A 260 -12.24 1.46 30.76
CA LYS A 260 -12.73 2.20 31.92
C LYS A 260 -12.66 3.70 31.70
N HIS A 261 -11.61 4.18 31.02
CA HIS A 261 -11.50 5.62 30.71
C HIS A 261 -12.61 6.14 29.81
N LEU A 262 -13.17 5.27 28.99
CA LEU A 262 -14.27 5.65 28.06
C LEU A 262 -15.59 5.75 28.81
N GLY A 263 -15.65 5.11 29.97
CA GLY A 263 -16.86 5.12 30.79
C GLY A 263 -16.95 6.44 31.53
#